data_3OOF
#
_entry.id   3OOF
#
_cell.length_a   71.580
_cell.length_b   83.340
_cell.length_c   190.420
_cell.angle_alpha   90.00
_cell.angle_beta   90.00
_cell.angle_gamma   90.00
#
_symmetry.space_group_name_H-M   'C 2 2 21'
#
loop_
_entity.id
_entity.type
_entity.pdbx_description
1 polymer 'Bile acid receptor'
2 polymer 'peptide of Nuclear receptor coactivator 1'
3 non-polymer '4-({(2S)-2-[2-(4-chlorophenyl)-5,6-difluoro-1H-benzimidazol-1-yl]-2-cyclohexylacetyl}amino)benzoic acid'
4 water water
#
loop_
_entity_poly.entity_id
_entity_poly.type
_entity_poly.pdbx_seq_one_letter_code
_entity_poly.pdbx_strand_id
1 'polypeptide(L)'
;GSHMELTPDQQTLLHFIMDSYNKQRMPQEITNKILKEAFSAEENFLILTEMATNHVQVLVEFTKKLPGFQTLDHEDQIAL
LKGSAVEAMFLRSAEIFNKKLPSGHSDLLEARIRNSGISDEYITPMFSFYKSIGELKMTQEEYALLTAIVILSPDRQYIK
DREAVEKLQEPLLDVLQKLCKIHQPENPQHFACLLGRLTELRTFNHHHAEMLMSWRVNDHKFTPLLCEIWDVQ
;
A,C
2 'polypeptide(L)' KDHQLLRYLLDKDE B,D
#
# COMPACT_ATOMS: atom_id res chain seq x y z
N MET A 4 1.84 -13.50 19.40
CA MET A 4 2.89 -13.94 20.30
C MET A 4 3.75 -12.73 20.74
N GLU A 5 4.47 -12.89 21.87
CA GLU A 5 5.37 -11.97 22.52
C GLU A 5 6.71 -11.92 21.75
N LEU A 6 7.49 -10.84 21.96
CA LEU A 6 8.83 -10.70 21.39
C LEU A 6 9.76 -11.79 21.97
N THR A 7 10.65 -12.31 21.13
CA THR A 7 11.65 -13.25 21.58
C THR A 7 12.80 -12.35 22.06
N PRO A 8 13.71 -12.85 22.93
CA PRO A 8 14.90 -12.06 23.31
C PRO A 8 15.62 -11.43 22.11
N ASP A 9 15.72 -12.17 20.96
CA ASP A 9 16.42 -11.64 19.79
C ASP A 9 15.72 -10.46 19.12
N GLN A 10 14.38 -10.45 19.15
CA GLN A 10 13.58 -9.33 18.62
C GLN A 10 13.68 -8.15 19.58
N GLN A 11 13.70 -8.43 20.91
CA GLN A 11 13.86 -7.43 21.95
C GLN A 11 15.23 -6.71 21.78
N THR A 12 16.27 -7.51 21.48
CA THR A 12 17.63 -7.02 21.24
C THR A 12 17.64 -6.15 19.98
N LEU A 13 16.94 -6.59 18.91
CA LEU A 13 16.83 -5.91 17.64
C LEU A 13 16.11 -4.55 17.83
N LEU A 14 14.90 -4.59 18.41
CA LEU A 14 14.09 -3.45 18.75
C LEU A 14 14.90 -2.40 19.50
N HIS A 15 15.63 -2.78 20.57
CA HIS A 15 16.47 -1.86 21.36
C HIS A 15 17.55 -1.19 20.56
N PHE A 16 18.22 -1.97 19.71
CA PHE A 16 19.27 -1.50 18.82
C PHE A 16 18.67 -0.47 17.85
N ILE A 17 17.47 -0.77 17.31
CA ILE A 17 16.79 0.10 16.37
C ILE A 17 16.42 1.45 17.00
N MET A 18 15.91 1.42 18.23
CA MET A 18 15.58 2.59 19.03
C MET A 18 16.81 3.45 19.29
N ASP A 19 17.94 2.84 19.70
CA ASP A 19 19.20 3.55 19.93
C ASP A 19 19.48 4.43 18.72
N SER A 20 19.53 3.82 17.50
CA SER A 20 19.78 4.49 16.24
C SER A 20 18.76 5.59 16.02
N TYR A 21 17.47 5.27 16.21
CA TYR A 21 16.34 6.16 16.03
C TYR A 21 16.39 7.40 16.95
N ASN A 22 16.71 7.23 18.27
CA ASN A 22 16.80 8.35 19.24
C ASN A 22 17.83 9.44 18.86
N LYS A 23 18.78 9.13 17.94
CA LYS A 23 19.82 10.06 17.46
C LYS A 23 19.31 11.25 16.63
N GLN A 24 18.01 11.36 16.46
CA GLN A 24 17.43 12.46 15.72
C GLN A 24 17.14 13.68 16.60
N ARG A 25 17.00 14.84 15.94
CA ARG A 25 16.70 16.11 16.60
C ARG A 25 15.42 15.94 17.40
N MET A 26 15.44 16.37 18.69
CA MET A 26 14.27 16.28 19.57
C MET A 26 13.06 16.99 18.95
N PRO A 27 11.84 16.40 19.06
CA PRO A 27 10.65 17.07 18.48
C PRO A 27 10.32 18.41 19.18
N GLN A 28 10.62 18.49 20.50
CA GLN A 28 10.43 19.70 21.31
C GLN A 28 11.21 20.89 20.69
N GLU A 29 12.48 20.68 20.28
CA GLU A 29 13.34 21.65 19.60
C GLU A 29 12.58 22.28 18.42
N ILE A 30 12.19 21.43 17.45
CA ILE A 30 11.47 21.75 16.20
C ILE A 30 10.17 22.54 16.46
N THR A 31 9.30 22.03 17.34
CA THR A 31 8.03 22.69 17.66
C THR A 31 8.17 23.99 18.45
N ASN A 32 9.26 24.15 19.21
CA ASN A 32 9.55 25.38 19.95
C ASN A 32 9.96 26.48 18.97
N LYS A 33 10.64 26.09 17.88
CA LYS A 33 11.07 27.00 16.83
C LYS A 33 9.86 27.53 16.07
N ILE A 34 8.95 26.62 15.66
CA ILE A 34 7.76 26.98 14.93
C ILE A 34 6.82 27.86 15.80
N LEU A 35 6.55 27.42 17.03
CA LEU A 35 5.62 28.07 17.96
C LEU A 35 6.02 29.43 18.53
N LYS A 36 7.32 29.65 18.78
CA LYS A 36 7.87 30.88 19.36
C LYS A 36 7.50 32.13 18.56
N GLU A 37 7.98 32.21 17.34
CA GLU A 37 7.72 33.33 16.47
C GLU A 37 7.22 32.81 15.14
N ALA A 38 6.39 33.61 14.48
CA ALA A 38 5.88 33.34 13.14
C ALA A 38 6.91 33.93 12.18
N PHE A 39 7.09 33.25 11.05
CA PHE A 39 8.05 33.66 10.04
C PHE A 39 7.38 33.88 8.72
N SER A 40 8.07 34.52 7.77
CA SER A 40 7.58 34.72 6.41
C SER A 40 7.71 33.39 5.66
N ALA A 41 7.13 33.28 4.45
CA ALA A 41 7.23 32.10 3.60
C ALA A 41 8.68 31.79 3.20
N GLU A 42 9.50 32.83 2.92
CA GLU A 42 10.92 32.74 2.58
C GLU A 42 11.74 32.22 3.75
N GLU A 43 11.40 32.68 4.97
CA GLU A 43 12.08 32.26 6.19
C GLU A 43 11.79 30.78 6.48
N ASN A 44 10.52 30.36 6.28
CA ASN A 44 10.05 29.01 6.53
C ASN A 44 10.61 28.06 5.50
N PHE A 45 10.80 28.54 4.26
CA PHE A 45 11.44 27.76 3.21
C PHE A 45 12.87 27.39 3.64
N LEU A 46 13.60 28.35 4.19
CA LEU A 46 14.96 28.20 4.72
C LEU A 46 15.00 27.14 5.81
N ILE A 47 14.08 27.23 6.79
CA ILE A 47 13.95 26.29 7.90
C ILE A 47 13.68 24.88 7.35
N LEU A 48 12.76 24.77 6.34
CA LEU A 48 12.42 23.52 5.69
C LEU A 48 13.67 22.90 5.05
N THR A 49 14.41 23.65 4.23
CA THR A 49 15.63 23.10 3.59
C THR A 49 16.68 22.61 4.61
N GLU A 50 16.92 23.38 5.69
CA GLU A 50 17.86 23.03 6.76
C GLU A 50 17.39 21.78 7.46
N MET A 51 16.11 21.78 7.91
CA MET A 51 15.47 20.63 8.58
C MET A 51 15.58 19.39 7.72
N ALA A 52 15.31 19.54 6.41
CA ALA A 52 15.32 18.42 5.50
C ALA A 52 16.73 17.98 5.21
N THR A 53 17.69 18.92 5.26
CA THR A 53 19.11 18.60 5.06
C THR A 53 19.59 17.76 6.26
N ASN A 54 19.31 18.24 7.49
CA ASN A 54 19.69 17.50 8.68
C ASN A 54 18.94 16.18 8.78
N HIS A 55 17.66 16.14 8.34
CA HIS A 55 16.87 14.90 8.37
C HIS A 55 17.56 13.79 7.55
N VAL A 56 18.02 14.08 6.33
CA VAL A 56 18.65 13.09 5.45
C VAL A 56 19.94 12.53 6.04
N GLN A 57 20.77 13.41 6.62
CA GLN A 57 22.05 13.04 7.20
C GLN A 57 21.82 12.04 8.31
N VAL A 58 20.86 12.32 9.18
CA VAL A 58 20.48 11.43 10.27
C VAL A 58 19.92 10.12 9.70
N LEU A 59 19.07 10.22 8.65
CA LEU A 59 18.43 9.08 7.99
C LEU A 59 19.45 8.13 7.40
N VAL A 60 20.50 8.65 6.76
CA VAL A 60 21.56 7.82 6.21
C VAL A 60 22.25 7.02 7.32
N GLU A 61 22.48 7.66 8.48
CA GLU A 61 23.06 7.02 9.66
C GLU A 61 22.17 5.96 10.20
N PHE A 62 20.86 6.24 10.30
CA PHE A 62 19.89 5.25 10.76
C PHE A 62 19.85 4.07 9.78
N THR A 63 19.72 4.36 8.48
CA THR A 63 19.69 3.37 7.39
C THR A 63 20.88 2.43 7.43
N LYS A 64 22.12 2.98 7.52
CA LYS A 64 23.39 2.21 7.59
C LYS A 64 23.44 1.24 8.78
N LYS A 65 22.79 1.60 9.89
CA LYS A 65 22.75 0.76 11.08
C LYS A 65 21.74 -0.33 10.99
N LEU A 66 20.90 -0.35 9.93
CA LEU A 66 19.85 -1.37 9.81
C LEU A 66 20.48 -2.72 9.46
N PRO A 67 20.08 -3.80 10.16
CA PRO A 67 20.70 -5.12 9.90
C PRO A 67 20.68 -5.56 8.44
N GLY A 68 21.87 -5.85 7.92
CA GLY A 68 22.09 -6.32 6.55
C GLY A 68 22.16 -5.24 5.50
N PHE A 69 21.70 -4.00 5.82
CA PHE A 69 21.73 -2.91 4.85
C PHE A 69 23.06 -2.81 4.08
N GLN A 70 24.19 -2.97 4.78
CA GLN A 70 25.52 -2.88 4.17
C GLN A 70 25.88 -4.06 3.26
N THR A 71 25.18 -5.22 3.41
CA THR A 71 25.37 -6.41 2.58
C THR A 71 24.74 -6.21 1.18
N LEU A 72 23.82 -5.21 1.05
CA LEU A 72 23.14 -4.97 -0.22
C LEU A 72 24.02 -4.39 -1.28
N ASP A 73 23.67 -4.71 -2.53
CA ASP A 73 24.30 -4.17 -3.72
C ASP A 73 24.34 -2.64 -3.59
N HIS A 74 25.52 -2.05 -3.82
CA HIS A 74 25.78 -0.62 -3.72
C HIS A 74 24.73 0.21 -4.40
N GLU A 75 24.36 -0.15 -5.65
CA GLU A 75 23.35 0.58 -6.41
C GLU A 75 21.96 0.43 -5.80
N ASP A 76 21.67 -0.71 -5.13
CA ASP A 76 20.37 -0.95 -4.49
C ASP A 76 20.26 -0.04 -3.27
N GLN A 77 21.34 0.07 -2.48
CA GLN A 77 21.37 0.94 -1.31
C GLN A 77 21.01 2.39 -1.67
N ILE A 78 21.50 2.90 -2.81
CA ILE A 78 21.25 4.26 -3.32
C ILE A 78 19.79 4.43 -3.68
N ALA A 79 19.26 3.48 -4.44
CA ALA A 79 17.87 3.47 -4.88
C ALA A 79 16.90 3.39 -3.69
N LEU A 80 17.34 2.74 -2.57
CA LEU A 80 16.58 2.64 -1.31
C LEU A 80 16.52 3.98 -0.57
N LEU A 81 17.67 4.69 -0.48
CA LEU A 81 17.78 5.98 0.19
C LEU A 81 16.99 7.04 -0.55
N LYS A 82 17.18 7.15 -1.89
CA LYS A 82 16.45 8.08 -2.73
C LYS A 82 14.98 7.79 -2.64
N GLY A 83 14.61 6.52 -2.74
CA GLY A 83 13.23 6.07 -2.68
C GLY A 83 12.55 6.28 -1.36
N SER A 84 13.30 6.44 -0.27
CA SER A 84 12.68 6.57 1.02
C SER A 84 12.83 7.90 1.74
N ALA A 85 13.82 8.72 1.35
CA ALA A 85 14.09 9.98 2.04
C ALA A 85 12.89 10.90 2.28
N VAL A 86 12.15 11.30 1.23
CA VAL A 86 10.93 12.14 1.34
C VAL A 86 9.84 11.49 2.23
N GLU A 87 9.56 10.20 2.03
CA GLU A 87 8.53 9.54 2.82
C GLU A 87 8.90 9.52 4.29
N ALA A 88 10.18 9.33 4.59
CA ALA A 88 10.71 9.24 5.96
C ALA A 88 10.57 10.56 6.67
N MET A 89 10.84 11.65 5.93
CA MET A 89 10.74 13.03 6.39
C MET A 89 9.26 13.37 6.72
N PHE A 90 8.33 12.91 5.86
CA PHE A 90 6.91 13.09 6.11
C PHE A 90 6.41 12.26 7.26
N LEU A 91 6.90 11.01 7.41
CA LEU A 91 6.48 10.21 8.55
C LEU A 91 6.99 10.81 9.85
N ARG A 92 8.21 11.37 9.80
CA ARG A 92 8.84 11.98 10.95
C ARG A 92 8.10 13.29 11.33
N SER A 93 7.72 14.13 10.32
CA SER A 93 6.95 15.37 10.52
C SER A 93 5.64 15.01 11.21
N ALA A 94 5.03 13.87 10.82
CA ALA A 94 3.81 13.35 11.41
C ALA A 94 4.00 12.91 12.86
N GLU A 95 5.18 12.34 13.19
CA GLU A 95 5.47 11.91 14.56
C GLU A 95 5.50 13.16 15.46
N ILE A 96 6.34 14.17 15.08
CA ILE A 96 6.51 15.47 15.74
C ILE A 96 5.16 16.16 15.95
N PHE A 97 4.36 16.28 14.87
CA PHE A 97 3.02 16.86 14.91
C PHE A 97 2.15 16.23 16.01
N ASN A 98 2.29 14.91 16.22
CA ASN A 98 1.47 14.18 17.17
C ASN A 98 1.96 14.10 18.63
N LYS A 99 3.13 14.69 18.91
CA LYS A 99 3.70 14.74 20.25
C LYS A 99 2.79 15.61 21.06
N LYS A 100 2.46 15.16 22.26
CA LYS A 100 1.54 15.89 23.11
C LYS A 100 2.13 17.20 23.57
N LEU A 101 1.43 18.30 23.25
CA LEU A 101 1.82 19.66 23.59
C LEU A 101 0.86 20.24 24.64
N PRO A 102 1.27 21.28 25.43
CA PRO A 102 0.32 21.91 26.36
C PRO A 102 -0.83 22.51 25.55
N SER A 103 -2.06 22.48 26.10
CA SER A 103 -3.31 22.99 25.48
C SER A 103 -3.13 24.21 24.56
N GLY A 104 -3.74 24.13 23.38
CA GLY A 104 -3.71 25.19 22.38
C GLY A 104 -2.52 25.19 21.43
N HIS A 105 -1.32 24.78 21.92
CA HIS A 105 -0.07 24.73 21.14
C HIS A 105 -0.23 23.87 19.88
N SER A 106 -0.98 22.77 20.01
CA SER A 106 -1.34 21.83 18.95
C SER A 106 -1.96 22.65 17.79
N ASP A 107 -3.00 23.45 18.11
CA ASP A 107 -3.76 24.34 17.22
C ASP A 107 -2.89 25.43 16.65
N LEU A 108 -1.98 25.99 17.49
CA LEU A 108 -1.12 27.05 17.00
C LEU A 108 -0.06 26.52 16.04
N LEU A 109 0.49 25.32 16.31
CA LEU A 109 1.50 24.67 15.44
C LEU A 109 0.91 24.39 14.06
N GLU A 110 -0.29 23.82 14.02
CA GLU A 110 -0.99 23.53 12.79
C GLU A 110 -1.22 24.82 11.97
N ALA A 111 -1.76 25.88 12.62
CA ALA A 111 -2.04 27.17 11.98
C ALA A 111 -0.73 27.76 11.41
N ARG A 112 0.36 27.69 12.20
CA ARG A 112 1.70 28.14 11.78
C ARG A 112 2.14 27.48 10.48
N ILE A 113 2.17 26.12 10.47
CA ILE A 113 2.57 25.24 9.36
C ILE A 113 1.71 25.52 8.15
N ARG A 114 0.42 25.73 8.39
CA ARG A 114 -0.58 26.04 7.38
C ARG A 114 -0.22 27.32 6.64
N ASN A 115 0.45 28.28 7.34
CA ASN A 115 0.91 29.55 6.80
C ASN A 115 2.33 29.52 6.27
N SER A 116 3.06 28.45 6.57
CA SER A 116 4.46 28.25 6.17
C SER A 116 4.83 28.69 4.73
N GLY A 117 3.89 28.61 3.80
CA GLY A 117 4.15 28.97 2.41
C GLY A 117 3.81 27.87 1.41
N ILE A 118 3.58 26.65 1.90
CA ILE A 118 3.16 25.50 1.08
C ILE A 118 1.81 25.86 0.41
N SER A 119 1.58 25.40 -0.84
CA SER A 119 0.30 25.64 -1.52
C SER A 119 -0.82 24.88 -0.77
N ASP A 120 -2.06 25.40 -0.80
CA ASP A 120 -3.24 24.82 -0.13
C ASP A 120 -3.59 23.39 -0.63
N GLU A 121 -3.27 23.07 -1.90
CA GLU A 121 -3.52 21.72 -2.48
C GLU A 121 -2.88 20.61 -1.66
N TYR A 122 -1.80 20.93 -0.94
CA TYR A 122 -0.96 20.00 -0.19
C TYR A 122 -1.19 20.02 1.29
N ILE A 123 -1.76 21.13 1.82
CA ILE A 123 -2.04 21.27 3.26
C ILE A 123 -3.07 20.25 3.69
N THR A 124 -4.17 20.15 2.92
CA THR A 124 -5.24 19.22 3.23
C THR A 124 -4.74 17.77 3.28
N PRO A 125 -4.20 17.18 2.17
CA PRO A 125 -3.67 15.80 2.27
C PRO A 125 -2.58 15.60 3.32
N MET A 126 -1.79 16.66 3.64
CA MET A 126 -0.74 16.61 4.66
C MET A 126 -1.30 16.50 6.06
N PHE A 127 -2.27 17.33 6.40
CA PHE A 127 -2.87 17.30 7.73
C PHE A 127 -3.80 16.14 7.88
N SER A 128 -4.49 15.80 6.79
CA SER A 128 -5.37 14.64 6.80
C SER A 128 -4.53 13.39 7.18
N PHE A 129 -3.32 13.22 6.60
CA PHE A 129 -2.38 12.12 6.90
C PHE A 129 -1.91 12.15 8.36
N TYR A 130 -1.41 13.32 8.84
CA TYR A 130 -0.90 13.57 10.19
C TYR A 130 -1.93 13.27 11.22
N LYS A 131 -3.17 13.73 11.01
CA LYS A 131 -4.25 13.52 11.96
C LYS A 131 -4.74 12.08 11.95
N SER A 132 -4.59 11.36 10.80
CA SER A 132 -4.90 9.95 10.67
C SER A 132 -3.83 9.12 11.44
N ILE A 133 -2.53 9.37 11.16
CA ILE A 133 -1.36 8.76 11.83
C ILE A 133 -1.52 8.98 13.36
N GLY A 134 -1.91 10.19 13.74
CA GLY A 134 -2.12 10.59 15.13
C GLY A 134 -3.12 9.72 15.82
N GLU A 135 -4.22 9.41 15.11
CA GLU A 135 -5.30 8.54 15.54
C GLU A 135 -4.77 7.14 15.89
N LEU A 136 -3.76 6.66 15.15
CA LEU A 136 -3.14 5.36 15.36
C LEU A 136 -2.44 5.16 16.72
N LYS A 137 -2.11 6.29 17.43
CA LYS A 137 -1.50 6.32 18.78
C LYS A 137 -0.23 5.45 18.90
N MET A 138 0.63 5.56 17.90
CA MET A 138 1.85 4.78 17.81
C MET A 138 2.87 5.18 18.88
N THR A 139 3.62 4.20 19.39
CA THR A 139 4.68 4.40 20.37
C THR A 139 5.91 4.84 19.56
N GLN A 140 7.02 5.18 20.25
CA GLN A 140 8.24 5.58 19.54
C GLN A 140 8.78 4.41 18.73
N GLU A 141 8.68 3.20 19.31
CA GLU A 141 9.10 1.93 18.72
C GLU A 141 8.41 1.66 17.37
N GLU A 142 7.11 1.92 17.29
CA GLU A 142 6.29 1.78 16.08
C GLU A 142 6.70 2.75 15.00
N TYR A 143 7.03 4.03 15.37
CA TYR A 143 7.53 5.02 14.40
C TYR A 143 8.85 4.60 13.89
N ALA A 144 9.72 4.09 14.78
CA ALA A 144 11.05 3.66 14.39
C ALA A 144 11.05 2.46 13.48
N LEU A 145 10.23 1.46 13.80
CA LEU A 145 10.10 0.26 12.98
C LEU A 145 9.42 0.53 11.66
N LEU A 146 8.37 1.36 11.65
CA LEU A 146 7.66 1.72 10.44
C LEU A 146 8.60 2.51 9.50
N THR A 147 9.47 3.38 10.08
CA THR A 147 10.49 4.11 9.35
C THR A 147 11.44 3.10 8.69
N ALA A 148 11.98 2.16 9.47
CA ALA A 148 12.87 1.09 8.92
C ALA A 148 12.15 0.27 7.84
N ILE A 149 10.87 -0.07 8.06
CA ILE A 149 10.03 -0.77 7.06
C ILE A 149 9.94 0.01 5.72
N VAL A 150 9.81 1.34 5.82
CA VAL A 150 9.68 2.27 4.70
C VAL A 150 10.96 2.32 3.89
N ILE A 151 12.11 2.42 4.60
CA ILE A 151 13.44 2.44 4.00
C ILE A 151 13.70 1.10 3.30
N LEU A 152 13.39 0.00 3.98
CA LEU A 152 13.66 -1.33 3.42
C LEU A 152 12.51 -1.88 2.58
N SER A 153 12.05 -1.09 1.60
CA SER A 153 10.94 -1.49 0.76
C SER A 153 11.46 -2.13 -0.50
N PRO A 154 11.15 -3.43 -0.73
CA PRO A 154 11.60 -4.11 -1.96
C PRO A 154 11.04 -3.54 -3.26
N ASP A 155 9.90 -2.87 -3.15
CA ASP A 155 9.12 -2.28 -4.21
C ASP A 155 9.64 -0.97 -4.73
N ARG A 156 10.80 -0.50 -4.24
CA ARG A 156 11.36 0.74 -4.75
C ARG A 156 11.70 0.58 -6.22
N GLN A 157 11.45 1.64 -7.00
CA GLN A 157 11.82 1.69 -8.39
C GLN A 157 13.33 1.61 -8.40
N TYR A 158 13.89 0.82 -9.33
CA TYR A 158 15.32 0.62 -9.60
C TYR A 158 16.00 -0.45 -8.75
N ILE A 159 15.26 -1.15 -7.88
CA ILE A 159 15.82 -2.22 -7.07
C ILE A 159 16.05 -3.41 -7.98
N LYS A 160 17.32 -3.84 -8.07
CA LYS A 160 17.77 -4.92 -8.94
C LYS A 160 17.58 -6.31 -8.36
N ASP A 161 17.44 -6.40 -7.03
CA ASP A 161 17.22 -7.65 -6.30
C ASP A 161 16.25 -7.39 -5.12
N ARG A 162 14.94 -7.39 -5.43
CA ARG A 162 13.83 -7.17 -4.52
C ARG A 162 13.89 -8.18 -3.39
N GLU A 163 14.19 -9.43 -3.74
CA GLU A 163 14.31 -10.60 -2.88
C GLU A 163 15.22 -10.31 -1.70
N ALA A 164 16.42 -9.73 -1.95
CA ALA A 164 17.37 -9.41 -0.89
C ALA A 164 16.84 -8.33 0.08
N VAL A 165 16.13 -7.32 -0.47
CA VAL A 165 15.53 -6.25 0.35
C VAL A 165 14.39 -6.83 1.21
N GLU A 166 13.63 -7.75 0.62
CA GLU A 166 12.52 -8.41 1.29
C GLU A 166 13.01 -9.18 2.48
N LYS A 167 14.19 -9.83 2.38
CA LYS A 167 14.80 -10.61 3.45
C LYS A 167 15.15 -9.70 4.60
N LEU A 168 15.56 -8.47 4.28
CA LEU A 168 15.89 -7.49 5.29
C LEU A 168 14.67 -6.91 6.02
N GLN A 169 13.62 -6.49 5.28
CA GLN A 169 12.36 -5.93 5.80
C GLN A 169 11.50 -6.92 6.59
N GLU A 170 11.58 -8.20 6.19
CA GLU A 170 10.89 -9.34 6.79
C GLU A 170 10.95 -9.35 8.34
N PRO A 171 12.14 -9.41 9.02
CA PRO A 171 12.13 -9.38 10.50
C PRO A 171 11.56 -8.11 11.12
N LEU A 172 11.61 -6.95 10.44
CA LEU A 172 11.07 -5.70 11.00
C LEU A 172 9.54 -5.68 10.93
N LEU A 173 8.98 -6.30 9.89
CA LEU A 173 7.54 -6.44 9.74
C LEU A 173 6.99 -7.31 10.87
N ASP A 174 7.71 -8.38 11.19
CA ASP A 174 7.32 -9.30 12.26
C ASP A 174 7.29 -8.66 13.62
N VAL A 175 8.34 -7.87 13.94
CA VAL A 175 8.44 -7.14 15.20
C VAL A 175 7.30 -6.12 15.32
N LEU A 176 7.10 -5.29 14.28
CA LEU A 176 6.04 -4.29 14.28
C LEU A 176 4.68 -4.90 14.55
N GLN A 177 4.38 -6.03 13.89
CA GLN A 177 3.13 -6.78 14.01
C GLN A 177 2.92 -7.24 15.45
N LYS A 178 3.99 -7.72 16.09
CA LYS A 178 3.91 -8.17 17.47
C LYS A 178 3.60 -6.97 18.40
N LEU A 179 4.23 -5.80 18.14
CA LEU A 179 4.00 -4.59 18.92
C LEU A 179 2.56 -4.12 18.84
N CYS A 180 1.98 -4.19 17.62
CA CYS A 180 0.57 -3.85 17.40
C CYS A 180 -0.36 -4.72 18.22
N LYS A 181 -0.07 -6.03 18.28
CA LYS A 181 -0.86 -6.99 19.05
C LYS A 181 -0.63 -6.76 20.57
N ILE A 182 0.58 -6.33 20.95
CA ILE A 182 0.94 -6.04 22.36
C ILE A 182 0.32 -4.75 22.84
N HIS A 183 0.64 -3.63 22.18
CA HIS A 183 0.22 -2.29 22.55
C HIS A 183 -1.22 -1.95 22.21
N GLN A 184 -1.78 -2.53 21.13
CA GLN A 184 -3.17 -2.24 20.72
C GLN A 184 -3.96 -3.55 20.46
N PRO A 185 -4.17 -4.37 21.52
CA PRO A 185 -4.90 -5.65 21.33
C PRO A 185 -6.41 -5.53 21.28
N GLU A 186 -6.92 -4.30 21.32
CA GLU A 186 -8.35 -4.02 21.22
C GLU A 186 -8.67 -3.59 19.80
N ASN A 187 -7.70 -3.81 18.89
CA ASN A 187 -7.79 -3.47 17.48
C ASN A 187 -6.92 -4.44 16.69
N PRO A 188 -7.43 -5.61 16.24
CA PRO A 188 -6.57 -6.54 15.47
C PRO A 188 -6.23 -6.01 14.09
N GLN A 189 -6.94 -4.97 13.63
CA GLN A 189 -6.69 -4.31 12.35
C GLN A 189 -5.49 -3.36 12.41
N HIS A 190 -5.02 -3.04 13.62
CA HIS A 190 -3.96 -2.09 13.81
C HIS A 190 -2.77 -2.20 12.87
N PHE A 191 -2.15 -3.39 12.78
CA PHE A 191 -1.00 -3.64 11.94
C PHE A 191 -1.29 -3.26 10.48
N ALA A 192 -2.48 -3.69 9.96
CA ALA A 192 -2.91 -3.40 8.59
C ALA A 192 -3.13 -1.91 8.36
N CYS A 193 -3.62 -1.19 9.36
CA CYS A 193 -3.79 0.24 9.25
C CYS A 193 -2.45 0.88 9.04
N LEU A 194 -1.42 0.46 9.83
CA LEU A 194 -0.03 0.97 9.69
C LEU A 194 0.46 0.81 8.27
N LEU A 195 0.30 -0.39 7.70
CA LEU A 195 0.69 -0.71 6.33
C LEU A 195 -0.12 0.08 5.29
N GLY A 196 -1.36 0.41 5.60
CA GLY A 196 -2.24 1.20 4.75
C GLY A 196 -1.69 2.61 4.64
N ARG A 197 -1.28 3.19 5.79
CA ARG A 197 -0.71 4.55 5.89
C ARG A 197 0.56 4.70 5.04
N LEU A 198 1.26 3.61 4.77
CA LEU A 198 2.47 3.54 3.94
C LEU A 198 2.16 3.80 2.48
N THR A 199 0.99 3.34 2.05
CA THR A 199 0.47 3.56 0.71
C THR A 199 0.11 5.04 0.62
N GLU A 200 -0.51 5.58 1.68
CA GLU A 200 -0.83 7.00 1.81
C GLU A 200 0.43 7.88 1.71
N LEU A 201 1.57 7.44 2.33
CA LEU A 201 2.88 8.12 2.32
C LEU A 201 3.49 8.20 0.94
N ARG A 202 3.38 7.13 0.14
CA ARG A 202 3.96 7.09 -1.21
C ARG A 202 3.34 8.14 -2.12
N THR A 203 2.05 8.46 -1.93
CA THR A 203 1.39 9.50 -2.74
C THR A 203 1.99 10.89 -2.52
N PHE A 204 2.40 11.23 -1.28
CA PHE A 204 3.08 12.50 -0.98
C PHE A 204 4.39 12.53 -1.71
N ASN A 205 5.11 11.38 -1.71
CA ASN A 205 6.38 11.29 -2.40
C ASN A 205 6.23 11.58 -3.90
N HIS A 206 5.09 11.22 -4.50
CA HIS A 206 4.83 11.46 -5.92
C HIS A 206 4.77 12.93 -6.28
N HIS A 207 4.32 13.78 -5.35
CA HIS A 207 4.21 15.21 -5.61
C HIS A 207 5.20 16.10 -4.85
N HIS A 208 6.21 15.50 -4.20
CA HIS A 208 7.21 16.21 -3.40
C HIS A 208 7.87 17.43 -4.07
N ALA A 209 8.43 17.26 -5.29
CA ALA A 209 9.11 18.34 -6.00
C ALA A 209 8.17 19.50 -6.29
N GLU A 210 6.93 19.21 -6.72
CA GLU A 210 5.89 20.22 -6.97
C GLU A 210 5.59 21.01 -5.71
N MET A 211 5.44 20.34 -4.54
CA MET A 211 5.13 21.03 -3.28
C MET A 211 6.22 21.97 -2.78
N LEU A 212 7.48 21.69 -3.13
CA LEU A 212 8.59 22.59 -2.83
C LEU A 212 8.65 23.69 -3.89
N MET A 213 8.45 23.34 -5.19
CA MET A 213 8.46 24.29 -6.32
C MET A 213 7.36 25.32 -6.24
N SER A 214 6.23 24.95 -5.64
CA SER A 214 5.04 25.78 -5.52
C SER A 214 4.99 26.58 -4.21
N TRP A 215 6.01 26.42 -3.34
CA TRP A 215 6.09 27.16 -2.07
C TRP A 215 6.04 28.64 -2.45
N ARG A 216 5.20 29.42 -1.78
CA ARG A 216 5.00 30.82 -2.12
C ARG A 216 6.23 31.68 -1.87
N VAL A 217 7.24 31.55 -2.74
CA VAL A 217 8.50 32.31 -2.71
C VAL A 217 9.02 32.53 -4.14
N ASN A 218 9.86 33.54 -4.31
CA ASN A 218 10.44 33.93 -5.59
C ASN A 218 11.47 32.93 -6.06
N ASP A 219 12.52 32.69 -5.23
CA ASP A 219 13.59 31.77 -5.55
C ASP A 219 13.60 30.57 -4.63
N HIS A 220 13.67 29.38 -5.25
CA HIS A 220 13.66 28.10 -4.55
C HIS A 220 15.08 27.53 -4.59
N LYS A 221 15.87 27.87 -3.57
CA LYS A 221 17.27 27.45 -3.46
C LYS A 221 17.36 26.26 -2.55
N PHE A 222 18.03 25.20 -3.02
CA PHE A 222 18.19 23.97 -2.25
C PHE A 222 19.66 23.60 -2.11
N THR A 223 20.05 23.06 -0.93
CA THR A 223 21.41 22.60 -0.66
C THR A 223 21.75 21.50 -1.70
N PRO A 224 23.01 21.35 -2.18
CA PRO A 224 23.30 20.28 -3.15
C PRO A 224 22.86 18.88 -2.70
N LEU A 225 22.91 18.56 -1.37
CA LEU A 225 22.45 17.28 -0.81
C LEU A 225 20.94 17.12 -1.04
N LEU A 226 20.17 18.20 -0.85
CA LEU A 226 18.74 18.20 -1.10
C LEU A 226 18.39 18.06 -2.59
N CYS A 227 19.27 18.55 -3.48
CA CYS A 227 19.13 18.44 -4.94
C CYS A 227 19.32 16.99 -5.38
N GLU A 228 20.01 16.19 -4.55
CA GLU A 228 20.31 14.79 -4.84
C GLU A 228 19.19 13.87 -4.40
N ILE A 229 18.57 14.17 -3.27
CA ILE A 229 17.54 13.35 -2.66
C ILE A 229 16.17 13.63 -3.23
N TRP A 230 15.90 14.92 -3.47
CA TRP A 230 14.62 15.48 -3.84
C TRP A 230 14.25 15.71 -5.29
N ASP A 231 15.09 15.32 -6.25
CA ASP A 231 14.72 15.54 -7.67
C ASP A 231 14.25 17.01 -7.86
N VAL A 232 15.15 17.95 -7.53
CA VAL A 232 14.93 19.40 -7.62
C VAL A 232 16.17 20.04 -8.29
N GLN A 233 16.00 21.25 -8.88
CA GLN A 233 17.06 22.00 -9.56
C GLN A 233 17.64 21.26 -10.77
N ASP B 2 24.90 8.23 -9.94
CA ASP B 2 25.91 9.16 -9.43
C ASP B 2 25.34 10.25 -8.51
N HIS B 3 25.51 10.06 -7.19
CA HIS B 3 25.10 11.00 -6.15
C HIS B 3 26.21 10.98 -5.13
N GLN B 4 27.30 11.69 -5.42
CA GLN B 4 28.51 11.75 -4.61
C GLN B 4 28.30 11.86 -3.13
N LEU B 5 27.45 12.82 -2.69
CA LEU B 5 27.21 13.08 -1.28
C LEU B 5 26.48 11.95 -0.62
N LEU B 6 25.49 11.39 -1.34
CA LEU B 6 24.75 10.20 -0.90
C LEU B 6 25.73 9.02 -0.80
N ARG B 7 26.57 8.79 -1.84
CA ARG B 7 27.59 7.74 -1.87
C ARG B 7 28.68 8.00 -0.82
N TYR B 8 29.04 9.30 -0.60
CA TYR B 8 29.98 9.69 0.44
C TYR B 8 29.39 9.38 1.80
N LEU B 9 28.13 9.79 2.08
CA LEU B 9 27.47 9.48 3.37
C LEU B 9 27.35 7.96 3.60
N LEU B 10 27.03 7.19 2.54
CA LEU B 10 26.92 5.74 2.61
C LEU B 10 28.21 5.04 2.98
N ASP B 11 29.26 5.29 2.20
CA ASP B 11 30.56 4.64 2.34
C ASP B 11 31.41 5.04 3.54
N LYS B 12 31.38 6.30 3.95
CA LYS B 12 32.22 6.82 5.04
C LYS B 12 31.98 6.19 6.43
N ASP B 13 32.97 6.31 7.30
CA ASP B 13 32.97 5.65 8.63
C ASP B 13 33.68 4.29 8.52
N MET C 4 -15.80 18.19 1.70
CA MET C 4 -16.29 17.01 2.43
C MET C 4 -17.37 16.26 1.67
N GLU C 5 -17.55 16.58 0.37
CA GLU C 5 -18.48 15.87 -0.51
C GLU C 5 -17.73 15.47 -1.78
N LEU C 6 -18.19 14.41 -2.47
CA LEU C 6 -17.53 14.03 -3.72
C LEU C 6 -17.75 15.13 -4.76
N THR C 7 -16.73 15.39 -5.55
CA THR C 7 -16.82 16.41 -6.57
C THR C 7 -17.42 15.91 -7.89
N PRO C 8 -17.77 16.86 -8.80
CA PRO C 8 -18.33 16.50 -10.11
C PRO C 8 -17.51 15.48 -10.87
N ASP C 9 -16.18 15.66 -10.90
CA ASP C 9 -15.24 14.75 -11.55
C ASP C 9 -15.14 13.40 -10.86
N GLN C 10 -15.20 13.39 -9.51
CA GLN C 10 -15.13 12.20 -8.69
C GLN C 10 -16.36 11.31 -8.83
N GLN C 11 -17.53 11.93 -8.88
CA GLN C 11 -18.83 11.29 -9.07
C GLN C 11 -18.86 10.60 -10.44
N THR C 12 -18.32 11.28 -11.45
CA THR C 12 -18.22 10.78 -12.83
C THR C 12 -17.33 9.51 -12.84
N LEU C 13 -16.15 9.58 -12.19
CA LEU C 13 -15.25 8.44 -12.08
C LEU C 13 -15.92 7.27 -11.36
N LEU C 14 -16.43 7.54 -10.15
CA LEU C 14 -17.07 6.52 -9.33
C LEU C 14 -18.18 5.76 -10.03
N HIS C 15 -19.13 6.50 -10.67
CA HIS C 15 -20.28 5.91 -11.35
C HIS C 15 -19.88 5.06 -12.51
N PHE C 16 -18.87 5.51 -13.24
CA PHE C 16 -18.33 4.82 -14.40
C PHE C 16 -17.60 3.51 -13.98
N ILE C 17 -16.84 3.56 -12.87
CA ILE C 17 -16.17 2.38 -12.31
C ILE C 17 -17.27 1.43 -11.85
N MET C 18 -18.32 1.93 -11.17
CA MET C 18 -19.47 1.13 -10.75
C MET C 18 -20.14 0.39 -11.88
N ASP C 19 -20.41 1.09 -13.00
CA ASP C 19 -21.01 0.51 -14.21
C ASP C 19 -20.20 -0.65 -14.80
N SER C 20 -18.88 -0.44 -15.06
CA SER C 20 -17.96 -1.48 -15.58
C SER C 20 -17.85 -2.65 -14.58
N TYR C 21 -17.82 -2.34 -13.27
CA TYR C 21 -17.74 -3.38 -12.23
C TYR C 21 -19.00 -4.22 -12.20
N ASN C 22 -20.14 -3.59 -12.54
CA ASN C 22 -21.46 -4.22 -12.57
C ASN C 22 -21.62 -5.28 -13.67
N LYS C 23 -20.74 -5.28 -14.68
CA LYS C 23 -20.76 -6.20 -15.82
C LYS C 23 -20.27 -7.64 -15.52
N GLN C 24 -20.21 -8.02 -14.25
CA GLN C 24 -19.71 -9.38 -13.95
C GLN C 24 -20.76 -10.28 -13.35
N ARG C 25 -20.49 -11.62 -13.32
CA ARG C 25 -21.42 -12.63 -12.79
C ARG C 25 -21.87 -12.23 -11.41
N MET C 26 -23.19 -12.25 -11.19
CA MET C 26 -23.83 -11.87 -9.95
C MET C 26 -23.44 -12.82 -8.84
N PRO C 27 -23.15 -12.34 -7.62
CA PRO C 27 -22.74 -13.26 -6.54
C PRO C 27 -23.67 -14.42 -6.26
N GLN C 28 -24.99 -14.21 -6.42
CA GLN C 28 -26.02 -15.23 -6.22
C GLN C 28 -25.85 -16.35 -7.22
N GLU C 29 -25.54 -16.01 -8.48
CA GLU C 29 -25.27 -16.97 -9.56
C GLU C 29 -24.15 -17.95 -9.14
N ILE C 30 -23.09 -17.41 -8.48
CA ILE C 30 -21.93 -18.17 -8.00
C ILE C 30 -22.29 -19.01 -6.78
N THR C 31 -22.84 -18.38 -5.72
CA THR C 31 -23.20 -19.05 -4.47
C THR C 31 -24.30 -20.07 -4.62
N ASN C 32 -25.27 -19.84 -5.54
CA ASN C 32 -26.37 -20.78 -5.80
C ASN C 32 -25.80 -22.06 -6.37
N LYS C 33 -24.85 -21.95 -7.29
CA LYS C 33 -24.19 -23.09 -7.95
C LYS C 33 -23.46 -23.97 -6.96
N ILE C 34 -22.76 -23.36 -6.00
CA ILE C 34 -21.96 -24.05 -4.98
C ILE C 34 -22.86 -24.63 -3.90
N LEU C 35 -23.95 -23.91 -3.56
CA LEU C 35 -24.89 -24.30 -2.50
C LEU C 35 -25.94 -25.36 -2.85
N LYS C 36 -26.36 -25.45 -4.12
CA LYS C 36 -27.41 -26.38 -4.56
C LYS C 36 -27.19 -27.86 -4.21
N GLU C 37 -25.96 -28.33 -4.33
CA GLU C 37 -25.57 -29.71 -4.06
C GLU C 37 -24.08 -29.78 -3.77
N ALA C 38 -23.66 -30.73 -2.93
CA ALA C 38 -22.25 -30.88 -2.65
C ALA C 38 -21.67 -31.65 -3.83
N PHE C 39 -20.52 -31.18 -4.32
CA PHE C 39 -19.89 -31.80 -5.47
C PHE C 39 -18.61 -32.45 -5.03
N SER C 40 -18.15 -33.41 -5.83
CA SER C 40 -16.86 -34.06 -5.61
C SER C 40 -15.78 -32.99 -5.88
N ALA C 41 -14.58 -33.23 -5.34
CA ALA C 41 -13.43 -32.37 -5.52
C ALA C 41 -13.09 -32.11 -7.01
N GLU C 42 -13.37 -33.11 -7.90
CA GLU C 42 -13.13 -33.02 -9.36
C GLU C 42 -14.15 -32.12 -10.05
N GLU C 43 -15.39 -32.14 -9.57
CA GLU C 43 -16.45 -31.30 -10.08
C GLU C 43 -16.16 -29.85 -9.67
N ASN C 44 -15.68 -29.66 -8.41
CA ASN C 44 -15.31 -28.37 -7.85
C ASN C 44 -14.13 -27.78 -8.54
N PHE C 45 -13.11 -28.61 -8.84
CA PHE C 45 -11.93 -28.15 -9.59
C PHE C 45 -12.37 -27.71 -11.00
N LEU C 46 -13.31 -28.42 -11.65
CA LEU C 46 -13.86 -28.06 -12.96
C LEU C 46 -14.66 -26.75 -12.90
N ILE C 47 -15.40 -26.52 -11.78
CA ILE C 47 -16.20 -25.31 -11.55
C ILE C 47 -15.22 -24.15 -11.42
N LEU C 48 -14.19 -24.32 -10.56
CA LEU C 48 -13.13 -23.37 -10.27
C LEU C 48 -12.44 -22.85 -11.47
N THR C 49 -12.01 -23.74 -12.37
CA THR C 49 -11.32 -23.37 -13.63
C THR C 49 -12.21 -22.56 -14.55
N GLU C 50 -13.53 -22.85 -14.63
CA GLU C 50 -14.54 -22.13 -15.43
C GLU C 50 -14.75 -20.74 -14.83
N MET C 51 -15.02 -20.68 -13.51
CA MET C 51 -15.17 -19.42 -12.77
C MET C 51 -13.94 -18.55 -12.97
N ALA C 52 -12.72 -19.13 -12.82
CA ALA C 52 -11.47 -18.39 -12.97
C ALA C 52 -11.21 -17.93 -14.41
N THR C 53 -11.57 -18.75 -15.43
CA THR C 53 -11.42 -18.39 -16.85
C THR C 53 -12.34 -17.22 -17.17
N ASN C 54 -13.61 -17.31 -16.78
CA ASN C 54 -14.56 -16.22 -16.95
C ASN C 54 -14.15 -14.95 -16.16
N HIS C 55 -13.70 -15.12 -14.90
CA HIS C 55 -13.26 -13.97 -14.10
C HIS C 55 -12.16 -13.18 -14.81
N VAL C 56 -11.18 -13.87 -15.40
CA VAL C 56 -10.12 -13.16 -16.07
C VAL C 56 -10.57 -12.44 -17.34
N GLN C 57 -11.52 -13.03 -18.06
CA GLN C 57 -12.06 -12.42 -19.26
C GLN C 57 -12.81 -11.13 -18.92
N VAL C 58 -13.57 -11.15 -17.83
CA VAL C 58 -14.31 -9.99 -17.34
C VAL C 58 -13.35 -8.90 -16.77
N LEU C 59 -12.27 -9.35 -16.12
CA LEU C 59 -11.29 -8.42 -15.54
C LEU C 59 -10.60 -7.63 -16.66
N VAL C 60 -10.19 -8.32 -17.75
CA VAL C 60 -9.50 -7.67 -18.89
C VAL C 60 -10.40 -6.59 -19.52
N GLU C 61 -11.71 -6.88 -19.65
CA GLU C 61 -12.66 -5.92 -20.17
C GLU C 61 -12.90 -4.75 -19.22
N PHE C 62 -12.94 -5.01 -17.88
CA PHE C 62 -13.06 -3.98 -16.84
C PHE C 62 -11.81 -3.13 -16.82
N THR C 63 -10.65 -3.77 -17.02
CA THR C 63 -9.34 -3.13 -17.02
C THR C 63 -9.17 -2.21 -18.24
N LYS C 64 -9.65 -2.68 -19.41
CA LYS C 64 -9.56 -1.90 -20.66
C LYS C 64 -10.36 -0.61 -20.57
N LYS C 65 -11.46 -0.61 -19.81
CA LYS C 65 -12.31 0.55 -19.63
C LYS C 65 -11.76 1.50 -18.56
N LEU C 66 -10.65 1.13 -17.88
CA LEU C 66 -10.11 2.00 -16.84
C LEU C 66 -9.48 3.27 -17.45
N PRO C 67 -9.98 4.47 -17.06
CA PRO C 67 -9.42 5.75 -17.59
C PRO C 67 -7.90 5.83 -17.65
N GLY C 68 -7.37 5.95 -18.87
CA GLY C 68 -5.95 6.04 -19.17
C GLY C 68 -5.22 4.71 -19.38
N PHE C 69 -5.87 3.56 -19.03
CA PHE C 69 -5.24 2.26 -19.21
C PHE C 69 -4.74 2.00 -20.63
N GLN C 70 -5.55 2.34 -21.64
CA GLN C 70 -5.19 2.08 -23.05
C GLN C 70 -4.03 2.94 -23.49
N THR C 71 -3.77 4.08 -22.79
CA THR C 71 -2.64 4.96 -23.09
C THR C 71 -1.32 4.42 -22.58
N LEU C 72 -1.33 3.51 -21.60
CA LEU C 72 -0.09 2.92 -21.06
C LEU C 72 0.66 2.19 -22.12
N ASP C 73 1.97 1.97 -21.88
CA ASP C 73 2.79 1.18 -22.80
C ASP C 73 2.18 -0.23 -22.81
N HIS C 74 2.06 -0.84 -24.00
CA HIS C 74 1.46 -2.19 -24.20
C HIS C 74 2.00 -3.25 -23.28
N GLU C 75 3.31 -3.21 -23.01
CA GLU C 75 4.04 -4.15 -22.16
C GLU C 75 3.71 -3.95 -20.70
N ASP C 76 3.49 -2.68 -20.33
CA ASP C 76 3.11 -2.25 -18.99
C ASP C 76 1.65 -2.67 -18.74
N GLN C 77 0.85 -2.73 -19.81
CA GLN C 77 -0.52 -3.20 -19.74
C GLN C 77 -0.63 -4.69 -19.38
N ILE C 78 0.23 -5.56 -19.98
CA ILE C 78 0.29 -7.01 -19.70
C ILE C 78 0.71 -7.26 -18.24
N ALA C 79 1.80 -6.59 -17.81
CA ALA C 79 2.42 -6.71 -16.50
C ALA C 79 1.38 -6.33 -15.43
N LEU C 80 0.61 -5.24 -15.64
CA LEU C 80 -0.45 -4.80 -14.74
C LEU C 80 -1.54 -5.85 -14.55
N LEU C 81 -1.98 -6.44 -15.67
CA LEU C 81 -3.01 -7.47 -15.72
C LEU C 81 -2.57 -8.74 -15.10
N LYS C 82 -1.43 -9.25 -15.55
CA LYS C 82 -0.81 -10.48 -15.07
C LYS C 82 -0.47 -10.39 -13.56
N GLY C 83 -0.04 -9.20 -13.12
CA GLY C 83 0.27 -8.94 -11.72
C GLY C 83 -0.97 -8.86 -10.84
N SER C 84 -2.11 -8.44 -11.42
CA SER C 84 -3.35 -8.29 -10.66
C SER C 84 -4.36 -9.39 -10.76
N ALA C 85 -4.33 -10.14 -11.86
CA ALA C 85 -5.39 -11.10 -12.13
C ALA C 85 -5.84 -11.98 -10.97
N VAL C 86 -4.91 -12.70 -10.39
CA VAL C 86 -5.14 -13.63 -9.29
C VAL C 86 -5.64 -12.93 -8.04
N GLU C 87 -5.04 -11.81 -7.68
CA GLU C 87 -5.42 -10.99 -6.54
C GLU C 87 -6.89 -10.52 -6.61
N ALA C 88 -7.33 -10.10 -7.83
CA ALA C 88 -8.68 -9.63 -8.05
C ALA C 88 -9.66 -10.79 -8.00
N MET C 89 -9.21 -11.98 -8.42
CA MET C 89 -10.01 -13.22 -8.33
C MET C 89 -10.29 -13.57 -6.80
N PHE C 90 -9.28 -13.41 -5.91
CA PHE C 90 -9.52 -13.63 -4.49
C PHE C 90 -10.26 -12.48 -3.87
N LEU C 91 -10.04 -11.22 -4.35
CA LEU C 91 -10.79 -10.08 -3.77
C LEU C 91 -12.29 -10.24 -4.03
N ARG C 92 -12.62 -10.71 -5.20
CA ARG C 92 -14.00 -10.97 -5.59
C ARG C 92 -14.57 -12.17 -4.83
N SER C 93 -13.76 -13.20 -4.62
CA SER C 93 -14.16 -14.39 -3.88
C SER C 93 -14.55 -14.00 -2.46
N ALA C 94 -13.79 -13.05 -1.83
CA ALA C 94 -14.05 -12.43 -0.51
C ALA C 94 -15.34 -11.59 -0.55
N GLU C 95 -15.61 -10.87 -1.66
CA GLU C 95 -16.83 -10.07 -1.85
C GLU C 95 -18.02 -11.00 -1.81
N ILE C 96 -17.96 -12.05 -2.63
CA ILE C 96 -19.00 -13.08 -2.75
C ILE C 96 -19.19 -13.80 -1.42
N PHE C 97 -18.10 -14.21 -0.77
CA PHE C 97 -18.15 -14.91 0.52
C PHE C 97 -18.91 -14.14 1.62
N ASN C 98 -18.70 -12.83 1.66
CA ASN C 98 -19.26 -11.93 2.66
C ASN C 98 -20.60 -11.33 2.28
N LYS C 99 -21.18 -11.77 1.15
CA LYS C 99 -22.49 -11.29 0.74
C LYS C 99 -23.54 -11.87 1.75
N LYS C 100 -24.58 -11.06 2.10
CA LYS C 100 -25.63 -11.46 3.04
C LYS C 100 -26.45 -12.54 2.41
N LEU C 101 -26.49 -13.69 3.09
CA LEU C 101 -27.22 -14.85 2.63
C LEU C 101 -28.25 -15.24 3.70
N PRO C 102 -29.35 -15.97 3.32
CA PRO C 102 -30.30 -16.44 4.33
C PRO C 102 -29.62 -17.21 5.47
N SER C 103 -30.21 -17.14 6.69
CA SER C 103 -29.70 -17.78 7.91
C SER C 103 -29.11 -19.19 7.64
N GLY C 104 -27.89 -19.41 8.13
CA GLY C 104 -27.17 -20.68 7.99
C GLY C 104 -26.72 -21.07 6.59
N HIS C 105 -26.86 -20.15 5.60
CA HIS C 105 -26.44 -20.38 4.21
C HIS C 105 -24.95 -20.13 4.06
N SER C 106 -24.44 -19.06 4.70
CA SER C 106 -23.02 -18.72 4.68
C SER C 106 -22.18 -19.73 5.43
N ASP C 107 -22.77 -20.43 6.40
CA ASP C 107 -22.06 -21.48 7.12
C ASP C 107 -21.94 -22.71 6.23
N LEU C 108 -22.97 -22.97 5.40
CA LEU C 108 -22.97 -24.08 4.45
C LEU C 108 -22.00 -23.75 3.31
N LEU C 109 -22.03 -22.49 2.83
CA LEU C 109 -21.10 -22.00 1.83
C LEU C 109 -19.69 -22.19 2.36
N GLU C 110 -19.42 -21.74 3.60
CA GLU C 110 -18.10 -21.88 4.20
C GLU C 110 -17.70 -23.37 4.28
N ALA C 111 -18.67 -24.27 4.54
CA ALA C 111 -18.41 -25.72 4.63
C ALA C 111 -18.14 -26.31 3.21
N ARG C 112 -18.92 -25.88 2.20
CA ARG C 112 -18.73 -26.33 0.83
C ARG C 112 -17.31 -26.00 0.33
N ILE C 113 -16.85 -24.75 0.54
CA ILE C 113 -15.51 -24.31 0.16
C ILE C 113 -14.44 -25.12 0.91
N ARG C 114 -14.60 -25.30 2.23
CA ARG C 114 -13.66 -26.07 3.04
C ARG C 114 -13.42 -27.49 2.49
N ASN C 115 -14.48 -28.12 1.97
CA ASN C 115 -14.40 -29.49 1.45
C ASN C 115 -14.47 -29.53 -0.08
N SER C 116 -14.13 -28.41 -0.73
CA SER C 116 -14.18 -28.28 -2.20
C SER C 116 -13.12 -29.15 -2.90
N GLY C 117 -12.04 -29.41 -2.19
CA GLY C 117 -10.90 -30.17 -2.68
C GLY C 117 -9.59 -29.43 -2.45
N ILE C 118 -9.69 -28.13 -2.06
CA ILE C 118 -8.52 -27.29 -1.77
C ILE C 118 -7.68 -27.97 -0.68
N SER C 119 -6.36 -27.77 -0.71
CA SER C 119 -5.45 -28.34 0.27
C SER C 119 -5.64 -27.70 1.64
N ASP C 120 -5.49 -28.51 2.72
CA ASP C 120 -5.66 -28.07 4.11
C ASP C 120 -4.80 -26.89 4.54
N GLU C 121 -3.61 -26.73 3.98
CA GLU C 121 -2.72 -25.63 4.36
C GLU C 121 -3.10 -24.25 3.82
N TYR C 122 -3.97 -24.23 2.81
CA TYR C 122 -4.46 -23.02 2.17
C TYR C 122 -5.78 -22.50 2.70
N ILE C 123 -6.56 -23.37 3.41
CA ILE C 123 -7.89 -23.03 3.96
C ILE C 123 -7.87 -21.84 4.92
N THR C 124 -7.06 -21.94 5.99
CA THR C 124 -6.92 -20.93 7.05
C THR C 124 -6.46 -19.60 6.50
N PRO C 125 -5.36 -19.50 5.72
CA PRO C 125 -4.97 -18.18 5.19
C PRO C 125 -6.09 -17.58 4.34
N MET C 126 -6.77 -18.45 3.54
CA MET C 126 -7.88 -18.09 2.68
C MET C 126 -9.08 -17.53 3.45
N PHE C 127 -9.59 -18.28 4.42
CA PHE C 127 -10.71 -17.82 5.26
C PHE C 127 -10.31 -16.68 6.17
N SER C 128 -9.04 -16.60 6.59
CA SER C 128 -8.53 -15.47 7.38
C SER C 128 -8.63 -14.16 6.57
N PHE C 129 -8.15 -14.15 5.31
CA PHE C 129 -8.32 -12.99 4.41
C PHE C 129 -9.80 -12.69 4.21
N TYR C 130 -10.64 -13.69 3.84
CA TYR C 130 -12.09 -13.47 3.67
C TYR C 130 -12.70 -12.88 4.91
N LYS C 131 -12.35 -13.40 6.10
CA LYS C 131 -12.90 -12.89 7.36
C LYS C 131 -12.55 -11.42 7.66
N SER C 132 -11.30 -11.01 7.43
CA SER C 132 -10.88 -9.61 7.64
C SER C 132 -11.44 -8.66 6.60
N ILE C 133 -11.82 -9.17 5.40
CA ILE C 133 -12.53 -8.36 4.39
C ILE C 133 -13.94 -8.14 4.92
N GLY C 134 -14.55 -9.21 5.40
CA GLY C 134 -15.88 -9.11 6.00
C GLY C 134 -16.03 -8.10 7.14
N GLU C 135 -14.99 -7.94 8.01
CA GLU C 135 -15.00 -7.03 9.18
C GLU C 135 -15.05 -5.58 8.72
N LEU C 136 -14.43 -5.29 7.57
CA LEU C 136 -14.39 -3.98 6.94
C LEU C 136 -15.77 -3.56 6.44
N LYS C 137 -16.69 -4.54 6.30
CA LYS C 137 -18.07 -4.32 5.86
C LYS C 137 -18.11 -3.36 4.67
N MET C 138 -17.43 -3.76 3.59
CA MET C 138 -17.28 -2.93 2.40
C MET C 138 -18.54 -2.79 1.55
N THR C 139 -18.72 -1.59 0.98
CA THR C 139 -19.81 -1.32 0.06
C THR C 139 -19.35 -1.79 -1.31
N GLN C 140 -20.30 -1.91 -2.25
CA GLN C 140 -20.02 -2.26 -3.63
C GLN C 140 -19.06 -1.25 -4.30
N GLU C 141 -19.15 0.04 -3.90
CA GLU C 141 -18.29 1.10 -4.42
C GLU C 141 -16.85 0.90 -3.96
N GLU C 142 -16.66 0.45 -2.71
CA GLU C 142 -15.35 0.18 -2.13
C GLU C 142 -14.72 -0.99 -2.82
N TYR C 143 -15.49 -2.06 -3.09
CA TYR C 143 -14.98 -3.22 -3.81
C TYR C 143 -14.52 -2.89 -5.22
N ALA C 144 -15.29 -2.02 -5.89
CA ALA C 144 -15.05 -1.66 -7.28
C ALA C 144 -13.77 -0.88 -7.42
N LEU C 145 -13.59 0.12 -6.56
CA LEU C 145 -12.42 0.98 -6.49
C LEU C 145 -11.22 0.18 -6.07
N LEU C 146 -11.38 -0.67 -5.03
CA LEU C 146 -10.28 -1.51 -4.57
C LEU C 146 -9.74 -2.38 -5.65
N THR C 147 -10.63 -3.02 -6.45
CA THR C 147 -10.22 -3.84 -7.60
C THR C 147 -9.49 -2.98 -8.62
N ALA C 148 -9.95 -1.74 -8.87
CA ALA C 148 -9.28 -0.83 -9.80
C ALA C 148 -7.88 -0.44 -9.30
N ILE C 149 -7.73 -0.18 -8.00
CA ILE C 149 -6.48 0.19 -7.31
C ILE C 149 -5.53 -1.00 -7.34
N VAL C 150 -6.07 -2.21 -7.16
CA VAL C 150 -5.32 -3.46 -7.25
C VAL C 150 -4.74 -3.58 -8.64
N ILE C 151 -5.55 -3.33 -9.69
CA ILE C 151 -5.05 -3.42 -11.07
C ILE C 151 -3.99 -2.37 -11.37
N LEU C 152 -4.23 -1.13 -10.94
CA LEU C 152 -3.33 -0.02 -11.28
C LEU C 152 -2.25 0.18 -10.27
N SER C 153 -1.65 -0.90 -9.83
CA SER C 153 -0.57 -0.86 -8.84
C SER C 153 0.74 -0.62 -9.52
N PRO C 154 1.33 0.57 -9.33
CA PRO C 154 2.64 0.84 -9.97
C PRO C 154 3.80 0.06 -9.37
N ASP C 155 3.56 -0.82 -8.38
CA ASP C 155 4.57 -1.63 -7.69
C ASP C 155 4.90 -2.93 -8.38
N ARG C 156 4.04 -3.40 -9.28
CA ARG C 156 4.27 -4.68 -9.98
C ARG C 156 5.64 -4.70 -10.64
N GLN C 157 6.20 -5.90 -10.71
CA GLN C 157 7.48 -6.12 -11.37
C GLN C 157 7.29 -6.06 -12.86
N TYR C 158 8.29 -5.55 -13.56
CA TYR C 158 8.28 -5.44 -15.00
C TYR C 158 7.61 -4.18 -15.48
N ILE C 159 7.19 -3.34 -14.56
CA ILE C 159 6.60 -2.09 -14.97
C ILE C 159 7.73 -1.13 -15.30
N LYS C 160 7.71 -0.62 -16.52
CA LYS C 160 8.73 0.27 -17.06
C LYS C 160 8.53 1.72 -16.70
N ASP C 161 7.28 2.16 -16.62
CA ASP C 161 6.91 3.52 -16.30
C ASP C 161 5.91 3.60 -15.11
N ARG C 162 6.43 3.60 -13.85
CA ARG C 162 5.64 3.71 -12.61
C ARG C 162 4.74 4.96 -12.63
N GLU C 163 5.32 6.14 -12.94
CA GLU C 163 4.61 7.43 -12.93
C GLU C 163 3.35 7.43 -13.74
N ALA C 164 3.37 6.85 -14.96
CA ALA C 164 2.17 6.84 -15.77
C ALA C 164 1.08 6.03 -15.08
N VAL C 165 1.47 4.93 -14.43
CA VAL C 165 0.55 4.10 -13.66
C VAL C 165 0.09 4.88 -12.42
N GLU C 166 1.05 5.44 -11.64
CA GLU C 166 0.73 6.24 -10.46
C GLU C 166 -0.32 7.27 -10.83
N LYS C 167 -0.11 8.00 -11.94
CA LYS C 167 -1.08 9.00 -12.43
C LYS C 167 -2.48 8.44 -12.58
N LEU C 168 -2.62 7.17 -12.98
CA LEU C 168 -3.97 6.59 -13.14
C LEU C 168 -4.58 6.07 -11.84
N GLN C 169 -3.74 5.63 -10.86
CA GLN C 169 -4.21 5.11 -9.57
C GLN C 169 -4.62 6.23 -8.59
N GLU C 170 -3.90 7.39 -8.62
CA GLU C 170 -4.17 8.53 -7.71
C GLU C 170 -5.64 8.94 -7.68
N PRO C 171 -6.29 9.20 -8.85
CA PRO C 171 -7.71 9.61 -8.83
C PRO C 171 -8.60 8.60 -8.13
N LEU C 172 -8.33 7.29 -8.34
CA LEU C 172 -9.11 6.24 -7.71
C LEU C 172 -8.93 6.20 -6.20
N LEU C 173 -7.67 6.39 -5.73
CA LEU C 173 -7.34 6.37 -4.29
C LEU C 173 -8.02 7.49 -3.57
N ASP C 174 -8.05 8.70 -4.19
CA ASP C 174 -8.70 9.91 -3.64
C ASP C 174 -10.23 9.81 -3.53
N VAL C 175 -10.85 9.18 -4.52
CA VAL C 175 -12.30 8.94 -4.55
C VAL C 175 -12.65 7.98 -3.42
N LEU C 176 -11.85 6.93 -3.27
CA LEU C 176 -12.01 5.90 -2.24
C LEU C 176 -11.82 6.49 -0.83
N GLN C 177 -10.80 7.33 -0.68
CA GLN C 177 -10.54 7.99 0.58
C GLN C 177 -11.72 8.88 0.96
N LYS C 178 -12.22 9.68 0.00
CA LYS C 178 -13.36 10.58 0.25
C LYS C 178 -14.52 9.75 0.72
N LEU C 179 -14.87 8.68 -0.06
CA LEU C 179 -15.95 7.74 0.25
C LEU C 179 -15.83 7.21 1.66
N CYS C 180 -14.62 6.84 2.08
CA CYS C 180 -14.38 6.35 3.43
C CYS C 180 -14.66 7.40 4.51
N LYS C 181 -14.28 8.67 4.26
CA LYS C 181 -14.51 9.78 5.20
C LYS C 181 -16.00 10.16 5.23
N ILE C 182 -16.59 10.42 4.04
CA ILE C 182 -18.01 10.80 3.88
C ILE C 182 -18.96 9.84 4.59
N HIS C 183 -18.82 8.53 4.39
CA HIS C 183 -19.76 7.54 4.93
C HIS C 183 -19.42 6.77 6.20
N GLN C 184 -18.14 6.68 6.54
CA GLN C 184 -17.72 5.95 7.74
C GLN C 184 -16.83 6.88 8.62
N PRO C 185 -17.32 8.06 9.09
CA PRO C 185 -16.44 8.95 9.87
C PRO C 185 -16.09 8.47 11.28
N GLU C 186 -16.84 7.47 11.81
CA GLU C 186 -16.60 6.86 13.12
C GLU C 186 -15.36 5.94 13.08
N ASN C 187 -14.98 5.47 11.88
CA ASN C 187 -13.81 4.65 11.60
C ASN C 187 -12.86 5.50 10.75
N PRO C 188 -12.01 6.29 11.43
CA PRO C 188 -11.05 7.15 10.71
C PRO C 188 -9.92 6.35 10.05
N GLN C 189 -9.86 5.04 10.36
CA GLN C 189 -8.85 4.10 9.88
C GLN C 189 -9.35 3.17 8.78
N HIS C 190 -10.63 3.24 8.45
CA HIS C 190 -11.24 2.42 7.40
C HIS C 190 -10.42 2.50 6.10
N PHE C 191 -10.02 3.70 5.66
CA PHE C 191 -9.22 3.85 4.45
C PHE C 191 -7.89 3.10 4.51
N ALA C 192 -7.05 3.35 5.54
CA ALA C 192 -5.75 2.68 5.70
C ALA C 192 -5.96 1.18 5.85
N CYS C 193 -7.02 0.77 6.59
CA CYS C 193 -7.31 -0.65 6.75
C CYS C 193 -7.63 -1.36 5.43
N LEU C 194 -8.37 -0.69 4.51
CA LEU C 194 -8.72 -1.22 3.20
C LEU C 194 -7.41 -1.46 2.41
N LEU C 195 -6.52 -0.46 2.38
CA LEU C 195 -5.23 -0.51 1.69
C LEU C 195 -4.26 -1.48 2.33
N GLY C 196 -4.36 -1.63 3.65
CA GLY C 196 -3.56 -2.58 4.41
C GLY C 196 -3.97 -4.00 4.07
N ARG C 197 -5.28 -4.20 3.75
CA ARG C 197 -5.78 -5.52 3.31
C ARG C 197 -5.19 -5.93 1.98
N LEU C 198 -4.88 -4.94 1.12
CA LEU C 198 -4.22 -5.19 -0.18
C LEU C 198 -2.84 -5.85 -0.04
N THR C 199 -2.11 -5.54 1.05
CA THR C 199 -0.82 -6.15 1.39
C THR C 199 -1.06 -7.63 1.73
N GLU C 200 -2.06 -7.94 2.58
CA GLU C 200 -2.46 -9.30 2.92
C GLU C 200 -2.87 -10.07 1.63
N LEU C 201 -3.58 -9.39 0.72
CA LEU C 201 -3.93 -9.94 -0.58
C LEU C 201 -2.67 -10.35 -1.35
N ARG C 202 -1.65 -9.46 -1.42
CA ARG C 202 -0.38 -9.74 -2.12
C ARG C 202 0.28 -11.04 -1.63
N THR C 203 0.39 -11.19 -0.29
CA THR C 203 0.95 -12.38 0.38
C THR C 203 0.19 -13.64 -0.05
N PHE C 204 -1.13 -13.56 -0.02
CA PHE C 204 -2.03 -14.63 -0.42
C PHE C 204 -1.79 -15.13 -1.85
N ASN C 205 -1.41 -14.24 -2.77
CA ASN C 205 -1.12 -14.57 -4.16
C ASN C 205 0.23 -15.31 -4.37
N HIS C 206 1.08 -15.42 -3.32
CA HIS C 206 2.38 -16.09 -3.42
C HIS C 206 2.27 -17.58 -3.70
N HIS C 207 1.24 -18.23 -3.15
CA HIS C 207 1.02 -19.67 -3.33
C HIS C 207 -0.07 -20.05 -4.31
N HIS C 208 -0.53 -19.10 -5.18
CA HIS C 208 -1.65 -19.31 -6.13
C HIS C 208 -1.55 -20.56 -7.02
N ALA C 209 -0.33 -20.84 -7.54
CA ALA C 209 -0.03 -21.99 -8.39
C ALA C 209 -0.22 -23.30 -7.60
N GLU C 210 0.33 -23.34 -6.35
CA GLU C 210 0.25 -24.49 -5.44
C GLU C 210 -1.16 -24.76 -5.04
N MET C 211 -1.97 -23.68 -4.82
CA MET C 211 -3.37 -23.81 -4.43
C MET C 211 -4.16 -24.61 -5.49
N LEU C 212 -3.81 -24.44 -6.76
CA LEU C 212 -4.46 -25.20 -7.82
C LEU C 212 -3.81 -26.58 -7.96
N MET C 213 -2.47 -26.63 -7.95
CA MET C 213 -1.75 -27.91 -8.08
C MET C 213 -2.01 -28.91 -6.96
N SER C 214 -2.25 -28.43 -5.73
CA SER C 214 -2.52 -29.31 -4.61
C SER C 214 -4.00 -29.70 -4.46
N TRP C 215 -4.88 -29.20 -5.33
CA TRP C 215 -6.28 -29.57 -5.29
C TRP C 215 -6.34 -31.11 -5.34
N ARG C 216 -7.07 -31.72 -4.40
CA ARG C 216 -7.16 -33.18 -4.31
C ARG C 216 -8.02 -33.77 -5.42
N VAL C 217 -7.41 -33.82 -6.60
CA VAL C 217 -7.90 -34.42 -7.83
C VAL C 217 -6.70 -35.19 -8.41
N ASN C 218 -6.96 -36.23 -9.22
CA ASN C 218 -5.92 -37.05 -9.84
C ASN C 218 -5.34 -36.37 -11.07
N ASP C 219 -6.05 -35.38 -11.61
CA ASP C 219 -5.65 -34.66 -12.81
C ASP C 219 -5.98 -33.16 -12.69
N HIS C 220 -5.02 -32.30 -13.05
CA HIS C 220 -5.15 -30.85 -12.99
C HIS C 220 -5.15 -30.27 -14.39
N LYS C 221 -6.30 -30.36 -15.05
CA LYS C 221 -6.43 -29.81 -16.40
C LYS C 221 -6.76 -28.32 -16.31
N PHE C 222 -5.96 -27.49 -17.01
CA PHE C 222 -6.16 -26.03 -17.04
C PHE C 222 -6.41 -25.49 -18.43
N THR C 223 -7.12 -24.36 -18.52
CA THR C 223 -7.35 -23.77 -19.82
C THR C 223 -6.07 -23.05 -20.26
N PRO C 224 -5.78 -22.94 -21.58
CA PRO C 224 -4.55 -22.21 -22.01
C PRO C 224 -4.46 -20.79 -21.42
N LEU C 225 -5.63 -20.16 -21.21
CA LEU C 225 -5.75 -18.82 -20.63
C LEU C 225 -5.35 -18.79 -19.17
N LEU C 226 -5.97 -19.62 -18.32
CA LEU C 226 -5.54 -19.59 -16.93
C LEU C 226 -4.12 -20.13 -16.66
N CYS C 227 -3.56 -20.85 -17.66
CA CYS C 227 -2.17 -21.33 -17.61
C CYS C 227 -1.26 -20.13 -17.65
N GLU C 228 -1.57 -19.20 -18.56
CA GLU C 228 -0.89 -17.93 -18.77
C GLU C 228 -1.01 -17.01 -17.55
N ILE C 229 -2.18 -16.98 -16.91
CA ILE C 229 -2.51 -16.11 -15.79
C ILE C 229 -2.12 -16.68 -14.42
N TRP C 230 -2.35 -17.97 -14.20
CA TRP C 230 -2.09 -18.60 -12.90
C TRP C 230 -0.70 -19.20 -12.79
N ASP C 231 0.06 -19.27 -13.89
CA ASP C 231 1.41 -19.81 -13.89
C ASP C 231 1.40 -21.30 -13.55
N VAL C 232 0.47 -22.02 -14.22
CA VAL C 232 0.26 -23.45 -14.16
C VAL C 232 0.56 -24.00 -15.56
N GLN C 233 0.67 -25.36 -15.68
CA GLN C 233 1.08 -26.20 -16.82
C GLN C 233 2.61 -26.30 -16.90
N LYS D 1 3.90 -16.48 -27.54
CA LYS D 1 5.13 -15.87 -27.04
C LYS D 1 5.13 -15.91 -25.50
N ASP D 2 5.33 -14.75 -24.84
CA ASP D 2 5.36 -14.54 -23.40
C ASP D 2 3.96 -14.86 -22.78
N HIS D 3 2.88 -14.25 -23.31
CA HIS D 3 1.50 -14.43 -22.84
C HIS D 3 0.60 -14.03 -23.99
N GLN D 4 0.54 -14.84 -25.03
CA GLN D 4 -0.24 -14.48 -26.21
C GLN D 4 -1.75 -14.36 -26.06
N LEU D 5 -2.40 -15.16 -25.18
CA LEU D 5 -3.85 -15.00 -25.02
C LEU D 5 -4.17 -13.67 -24.33
N LEU D 6 -3.43 -13.34 -23.29
CA LEU D 6 -3.59 -12.08 -22.55
C LEU D 6 -3.32 -10.91 -23.49
N ARG D 7 -2.19 -10.96 -24.24
CA ARG D 7 -1.84 -9.94 -25.25
C ARG D 7 -2.98 -9.88 -26.29
N TYR D 8 -3.53 -11.04 -26.68
CA TYR D 8 -4.65 -11.07 -27.60
C TYR D 8 -5.88 -10.31 -27.06
N LEU D 9 -6.33 -10.65 -25.86
CA LEU D 9 -7.49 -10.01 -25.23
C LEU D 9 -7.25 -8.52 -24.95
N LEU D 10 -5.99 -8.11 -24.79
CA LEU D 10 -5.64 -6.71 -24.56
C LEU D 10 -5.69 -5.85 -25.82
N ASP D 11 -5.45 -6.46 -26.97
CA ASP D 11 -5.40 -5.77 -28.26
C ASP D 11 -6.72 -5.81 -29.06
N LYS D 12 -7.41 -6.98 -29.05
CA LYS D 12 -8.68 -7.23 -29.75
C LYS D 12 -9.74 -6.12 -29.52
N ASP D 13 -10.56 -5.84 -30.57
CA ASP D 13 -11.67 -4.87 -30.70
C ASP D 13 -11.38 -3.79 -31.76
#